data_4PKQ
#
_entry.id   4PKQ
#
_cell.length_a   56.897
_cell.length_b   74.544
_cell.length_c   139.461
_cell.angle_alpha   90.000
_cell.angle_beta   90.000
_cell.angle_gamma   90.000
#
_symmetry.space_group_name_H-M   'P 21 21 21'
#
loop_
_entity.id
_entity.type
_entity.pdbx_description
1 polymer 'Lethal factor'
2 non-polymer 'ZINC ION'
3 non-polymer 'TRIETHYLENE GLYCOL'
4 non-polymer 1,2-ETHANEDIOL
5 water water
#
_entity_poly.entity_id   1
_entity_poly.type   'polypeptide(L)'
_entity_poly.pdbx_seq_one_letter_code
;SNALSRYEKWEKIKQHYQHWSDSLSEEGRGLLKKLQIPIEPKKDDIIHSLSQEEKELLKRIQIDSSDFLSTEEKEFLKKL
QIDIRDSLSEEEKELLNRIQVDSSNPLSEKEKEFLKKLKLDIQPYDINQRLQDTGGLIDSPSINLDVRKQYKRDIQNIDA
LLHQSIGSTLYNKIYLYENMNINNLTATLGADLVDSTDNTKINRGIFNEFKKNFKYSISSNYMIVDINERPALDNERLKW
RIQLSPDTRAGYLENGKLILQRNIGLEIKDVQIIKQSEKEYIRIDAKVVPKSKIDTKIQEAQLNINQEWNKALGLPKYTK
LITFNVHNRYASNIVESAYLILNEWKNNIQSDLIKKVTNYLVDGNGRFVFTDITLPNIAEQYTHQDEIYEQVHSKGLYVP
ESRSILLHGPSKGVELRNDSEGFIHEFGHAVDDYAGYLLDKNQSDLVTNSKKFIDIFKEEGSNLTSYGRTNEAEFFAEAF
RLMHSTDHAERLKVQKNAPKTFQFINDQIKFIINSLVPR
;
_entity_poly.pdbx_strand_id   A
#
# COMPACT_ATOMS: atom_id res chain seq x y z
N SER A 5 -7.20 27.36 28.01
CA SER A 5 -8.19 27.87 27.07
C SER A 5 -7.86 27.53 25.61
N ARG A 6 -8.79 26.84 24.97
CA ARG A 6 -8.68 26.48 23.56
C ARG A 6 -8.50 27.71 22.68
N TYR A 7 -9.24 28.76 23.00
CA TYR A 7 -9.33 29.92 22.11
C TYR A 7 -8.12 30.83 22.26
N GLU A 8 -7.58 30.89 23.46
CA GLU A 8 -6.37 31.67 23.73
C GLU A 8 -5.15 31.02 23.09
N LYS A 9 -5.08 29.70 23.20
CA LYS A 9 -4.03 28.93 22.56
C LYS A 9 -4.04 29.21 21.05
N TRP A 10 -5.21 29.08 20.44
CA TRP A 10 -5.41 29.39 19.03
C TRP A 10 -4.92 30.80 18.70
N GLU A 11 -5.41 31.79 19.45
CA GLU A 11 -5.02 33.20 19.23
C GLU A 11 -3.50 33.40 19.35
N LYS A 12 -2.88 32.75 20.33
CA LYS A 12 -1.46 32.92 20.54
C LYS A 12 -0.66 32.31 19.37
N ILE A 13 -1.10 31.16 18.86
CA ILE A 13 -0.42 30.56 17.73
C ILE A 13 -0.65 31.38 16.46
N LYS A 14 -1.87 31.84 16.25
CA LYS A 14 -2.17 32.72 15.11
C LYS A 14 -1.33 34.01 15.12
N GLN A 15 -1.14 34.60 16.30
CA GLN A 15 -0.30 35.78 16.46
C GLN A 15 1.15 35.49 16.10
N HIS A 16 1.62 34.33 16.53
CA HIS A 16 2.98 33.93 16.21
C HIS A 16 3.22 33.89 14.69
N TYR A 17 2.20 33.49 13.93
CA TYR A 17 2.28 33.38 12.47
C TYR A 17 1.60 34.54 11.73
N GLN A 18 1.18 35.58 12.45
CA GLN A 18 0.36 36.62 11.84
C GLN A 18 1.05 37.39 10.71
N HIS A 19 2.31 37.73 10.93
CA HIS A 19 3.10 38.42 9.90
C HIS A 19 3.28 37.52 8.67
N TRP A 20 3.65 36.27 8.92
CA TRP A 20 3.74 35.27 7.86
C TRP A 20 2.44 35.25 7.04
N SER A 21 1.30 35.16 7.71
CA SER A 21 0.00 35.06 7.01
C SER A 21 -0.31 36.30 6.19
N ASP A 22 -0.02 37.47 6.75
CA ASP A 22 -0.21 38.73 6.05
C ASP A 22 0.70 38.87 4.85
N SER A 23 1.87 38.23 4.92
CA SER A 23 2.89 38.37 3.88
C SER A 23 2.70 37.45 2.68
N LEU A 24 1.79 36.49 2.78
CA LEU A 24 1.58 35.53 1.71
C LEU A 24 1.08 36.23 0.45
N SER A 25 1.67 35.89 -0.69
CA SER A 25 1.14 36.38 -1.97
C SER A 25 -0.17 35.66 -2.27
N GLU A 26 -0.88 36.14 -3.28
CA GLU A 26 -2.10 35.49 -3.73
C GLU A 26 -1.78 34.11 -4.33
N GLU A 27 -0.63 34.01 -4.98
CA GLU A 27 -0.21 32.73 -5.50
C GLU A 27 0.22 31.83 -4.35
N GLY A 28 0.76 32.43 -3.30
CA GLY A 28 1.10 31.68 -2.10
C GLY A 28 -0.13 31.07 -1.47
N ARG A 29 -1.17 31.88 -1.28
CA ARG A 29 -2.42 31.37 -0.72
C ARG A 29 -3.09 30.31 -1.58
N GLY A 30 -3.05 30.49 -2.90
CA GLY A 30 -3.67 29.56 -3.82
C GLY A 30 -3.07 28.19 -3.67
N LEU A 31 -1.74 28.16 -3.61
CA LEU A 31 -0.99 26.94 -3.45
C LEU A 31 -1.36 26.21 -2.14
N LEU A 32 -1.52 26.96 -1.06
CA LEU A 32 -1.90 26.39 0.22
C LEU A 32 -3.29 25.80 0.15
N LYS A 33 -4.20 26.47 -0.56
CA LYS A 33 -5.56 25.95 -0.73
C LYS A 33 -5.60 24.68 -1.59
N LYS A 34 -4.82 24.67 -2.66
CA LYS A 34 -4.75 23.52 -3.54
C LYS A 34 -4.23 22.28 -2.79
N LEU A 35 -3.25 22.51 -1.90
CA LEU A 35 -2.71 21.48 -1.03
C LEU A 35 -3.82 20.87 -0.16
N GLN A 36 -4.69 21.73 0.35
CA GLN A 36 -5.79 21.32 1.23
C GLN A 36 -6.93 20.70 0.46
N ILE A 37 -7.22 21.27 -0.70
CA ILE A 37 -8.38 20.85 -1.46
C ILE A 37 -7.94 20.50 -2.87
N PRO A 38 -7.61 19.22 -3.09
CA PRO A 38 -7.12 18.69 -4.37
C PRO A 38 -8.08 18.98 -5.53
N ILE A 39 -7.55 18.95 -6.74
CA ILE A 39 -8.33 19.21 -7.94
C ILE A 39 -8.74 17.88 -8.55
N GLU A 40 -10.05 17.66 -8.59
CA GLU A 40 -10.62 16.41 -9.05
C GLU A 40 -10.68 16.37 -10.57
N PRO A 41 -10.61 15.15 -11.14
CA PRO A 41 -10.82 15.00 -12.59
C PRO A 41 -12.27 15.30 -12.97
N LYS A 42 -12.49 15.83 -14.17
CA LYS A 42 -13.83 16.18 -14.63
C LYS A 42 -14.53 14.98 -15.23
N LYS A 43 -15.46 14.39 -14.49
CA LYS A 43 -16.16 13.18 -14.94
C LYS A 43 -16.81 13.35 -16.30
N ASP A 44 -17.50 14.47 -16.50
CA ASP A 44 -18.19 14.74 -17.75
C ASP A 44 -17.24 14.74 -18.93
N ASP A 45 -16.07 15.36 -18.76
CA ASP A 45 -15.04 15.38 -19.80
C ASP A 45 -14.47 13.99 -20.05
N ILE A 46 -14.28 13.21 -18.98
CA ILE A 46 -13.78 11.85 -19.14
C ILE A 46 -14.78 11.07 -20.01
N ILE A 47 -16.03 11.08 -19.60
CA ILE A 47 -17.09 10.33 -20.26
C ILE A 47 -17.27 10.76 -21.72
N HIS A 48 -17.24 12.07 -21.95
CA HIS A 48 -17.41 12.58 -23.31
C HIS A 48 -16.32 12.08 -24.24
N SER A 49 -15.14 11.81 -23.67
CA SER A 49 -13.99 11.40 -24.48
C SER A 49 -14.01 9.90 -24.80
N LEU A 50 -14.94 9.15 -24.21
CA LEU A 50 -15.06 7.72 -24.52
C LEU A 50 -15.86 7.49 -25.80
N SER A 51 -15.51 6.45 -26.53
CA SER A 51 -16.31 6.03 -27.66
C SER A 51 -17.58 5.35 -27.15
N GLN A 52 -18.52 5.09 -28.04
CA GLN A 52 -19.76 4.45 -27.64
C GLN A 52 -19.49 3.06 -27.10
N GLU A 53 -18.59 2.32 -27.75
CA GLU A 53 -18.21 1.00 -27.27
C GLU A 53 -17.58 1.06 -25.88
N GLU A 54 -16.78 2.09 -25.62
CA GLU A 54 -16.10 2.20 -24.33
C GLU A 54 -17.09 2.54 -23.20
N LYS A 55 -18.04 3.43 -23.51
CA LYS A 55 -19.13 3.74 -22.58
C LYS A 55 -19.89 2.48 -22.17
N GLU A 56 -20.26 1.66 -23.15
CA GLU A 56 -20.90 0.37 -22.88
C GLU A 56 -20.09 -0.50 -21.96
N LEU A 57 -18.81 -0.63 -22.31
CA LEU A 57 -17.90 -1.45 -21.53
C LEU A 57 -17.88 -1.01 -20.08
N LEU A 58 -17.82 0.31 -19.89
CA LEU A 58 -17.70 0.89 -18.57
C LEU A 58 -18.99 0.71 -17.76
N LYS A 59 -20.13 0.78 -18.43
CA LYS A 59 -21.43 0.50 -17.78
C LYS A 59 -21.43 -0.83 -17.05
N ARG A 60 -20.91 -1.87 -17.70
CA ARG A 60 -21.14 -3.21 -17.19
C ARG A 60 -19.93 -3.84 -16.53
N ILE A 61 -18.86 -3.07 -16.37
CA ILE A 61 -17.62 -3.63 -15.86
C ILE A 61 -17.63 -3.78 -14.32
N GLN A 62 -17.08 -4.89 -13.85
CA GLN A 62 -16.99 -5.16 -12.41
C GLN A 62 -15.69 -4.59 -11.84
N ILE A 63 -15.74 -3.34 -11.39
CA ILE A 63 -14.54 -2.60 -11.03
C ILE A 63 -13.70 -3.26 -9.93
N ASP A 64 -14.36 -3.84 -8.94
CA ASP A 64 -13.64 -4.45 -7.83
C ASP A 64 -12.98 -5.77 -8.19
N SER A 65 -13.26 -6.30 -9.39
CA SER A 65 -12.52 -7.46 -9.88
C SER A 65 -11.10 -7.11 -10.33
N SER A 66 -10.83 -5.82 -10.48
CA SER A 66 -9.50 -5.37 -10.87
C SER A 66 -8.44 -5.71 -9.82
N ASP A 67 -7.24 -6.08 -10.25
CA ASP A 67 -6.18 -6.39 -9.29
C ASP A 67 -4.96 -5.46 -9.45
N PHE A 68 -5.13 -4.34 -10.15
CA PHE A 68 -4.00 -3.45 -10.47
C PHE A 68 -4.24 -1.98 -10.15
N LEU A 69 -5.49 -1.63 -9.85
CA LEU A 69 -5.85 -0.24 -9.55
C LEU A 69 -5.72 0.05 -8.06
N SER A 70 -5.37 1.29 -7.73
CA SER A 70 -5.36 1.71 -6.33
C SER A 70 -6.78 1.92 -5.79
N THR A 71 -6.88 2.07 -4.47
CA THR A 71 -8.15 2.39 -3.84
C THR A 71 -8.74 3.66 -4.43
N GLU A 72 -7.92 4.71 -4.50
CA GLU A 72 -8.35 6.00 -5.03
C GLU A 72 -8.87 5.88 -6.46
N GLU A 73 -8.16 5.13 -7.29
CA GLU A 73 -8.55 4.94 -8.68
C GLU A 73 -9.87 4.21 -8.73
N LYS A 74 -10.02 3.20 -7.87
CA LYS A 74 -11.22 2.38 -7.86
C LYS A 74 -12.42 3.21 -7.45
N GLU A 75 -12.23 4.04 -6.43
CA GLU A 75 -13.31 4.87 -5.92
C GLU A 75 -13.75 5.88 -6.98
N PHE A 76 -12.80 6.44 -7.70
CA PHE A 76 -13.19 7.39 -8.72
C PHE A 76 -13.94 6.70 -9.85
N LEU A 77 -13.45 5.55 -10.29
CA LEU A 77 -14.10 4.80 -11.38
C LEU A 77 -15.53 4.40 -11.02
N LYS A 78 -15.78 4.06 -9.76
CA LYS A 78 -17.13 3.72 -9.34
C LYS A 78 -18.07 4.93 -9.50
N LYS A 79 -17.58 6.12 -9.14
CA LYS A 79 -18.36 7.36 -9.30
C LYS A 79 -18.62 7.63 -10.77
N LEU A 80 -17.58 7.42 -11.57
CA LEU A 80 -17.66 7.58 -13.00
C LEU A 80 -18.70 6.62 -13.56
N GLN A 81 -18.72 5.40 -13.03
CA GLN A 81 -19.66 4.39 -13.46
C GLN A 81 -21.12 4.78 -13.13
N ILE A 82 -21.33 5.41 -11.98
CA ILE A 82 -22.67 5.88 -11.61
C ILE A 82 -23.25 6.85 -12.65
N ASP A 83 -22.46 7.84 -13.04
CA ASP A 83 -22.91 8.82 -14.03
C ASP A 83 -23.24 8.17 -15.37
N ILE A 84 -22.34 7.31 -15.85
CA ILE A 84 -22.58 6.65 -17.13
C ILE A 84 -23.84 5.78 -17.06
N ARG A 85 -24.16 5.22 -15.87
CA ARG A 85 -25.28 4.28 -15.76
C ARG A 85 -26.61 4.98 -15.50
N ASP A 86 -26.58 6.28 -15.19
CA ASP A 86 -27.79 6.98 -14.78
C ASP A 86 -28.62 7.55 -15.92
N SER A 87 -28.80 6.73 -16.96
CA SER A 87 -29.76 7.03 -18.02
C SER A 87 -30.46 5.71 -18.35
N LEU A 88 -29.84 4.61 -17.93
CA LEU A 88 -30.42 3.28 -18.05
C LEU A 88 -31.70 3.16 -17.21
N SER A 89 -32.56 2.21 -17.56
CA SER A 89 -33.78 2.02 -16.78
C SER A 89 -33.46 1.27 -15.48
N GLU A 90 -34.42 1.25 -14.56
CA GLU A 90 -34.19 0.75 -13.22
C GLU A 90 -33.89 -0.76 -13.15
N GLU A 91 -34.55 -1.54 -14.02
CA GLU A 91 -34.29 -2.99 -14.05
C GLU A 91 -32.84 -3.25 -14.44
N GLU A 92 -32.44 -2.66 -15.56
CA GLU A 92 -31.05 -2.70 -16.01
C GLU A 92 -30.09 -2.41 -14.85
N LYS A 93 -30.34 -1.28 -14.18
CA LYS A 93 -29.53 -0.84 -13.04
C LYS A 93 -29.55 -1.82 -11.87
N GLU A 94 -30.74 -2.35 -11.55
CA GLU A 94 -30.88 -3.32 -10.47
C GLU A 94 -30.19 -4.63 -10.82
N LEU A 95 -30.31 -5.06 -12.08
CA LEU A 95 -29.63 -6.25 -12.55
C LEU A 95 -28.12 -6.07 -12.45
N LEU A 96 -27.65 -4.89 -12.86
CA LEU A 96 -26.23 -4.60 -12.89
C LEU A 96 -25.64 -4.63 -11.47
N ASN A 97 -26.46 -4.27 -10.48
CA ASN A 97 -26.03 -4.35 -9.08
C ASN A 97 -26.18 -5.77 -8.52
N ARG A 98 -27.26 -6.45 -8.91
CA ARG A 98 -27.52 -7.81 -8.43
C ARG A 98 -26.44 -8.79 -8.91
N ILE A 99 -25.98 -8.59 -10.14
CA ILE A 99 -24.97 -9.47 -10.73
C ILE A 99 -23.60 -9.28 -10.06
N GLN A 100 -23.30 -8.04 -9.66
CA GLN A 100 -22.01 -7.70 -9.07
C GLN A 100 -21.79 -8.35 -7.69
N VAL A 101 -22.87 -8.46 -6.92
CA VAL A 101 -22.78 -8.99 -5.56
C VAL A 101 -22.63 -10.52 -5.50
N ASP A 102 -23.39 -11.22 -6.34
CA ASP A 102 -23.47 -12.68 -6.26
C ASP A 102 -22.31 -13.41 -6.98
N SER A 103 -21.38 -12.65 -7.55
CA SER A 103 -20.29 -13.22 -8.33
C SER A 103 -19.10 -12.28 -8.47
N SER A 104 -17.90 -12.78 -8.20
CA SER A 104 -16.69 -12.03 -8.47
C SER A 104 -15.91 -12.73 -9.59
N ASN A 105 -16.51 -12.79 -10.78
CA ASN A 105 -15.82 -13.34 -11.94
C ASN A 105 -14.66 -12.44 -12.37
N PRO A 106 -13.62 -13.04 -12.97
CA PRO A 106 -12.48 -12.22 -13.39
C PRO A 106 -12.82 -11.30 -14.57
N LEU A 107 -12.03 -10.23 -14.76
CA LEU A 107 -12.27 -9.31 -15.86
C LEU A 107 -11.88 -9.96 -17.19
N SER A 108 -12.59 -9.63 -18.26
CA SER A 108 -12.18 -10.08 -19.58
C SER A 108 -10.91 -9.34 -20.01
N GLU A 109 -10.28 -9.81 -21.08
CA GLU A 109 -9.09 -9.13 -21.57
C GLU A 109 -9.45 -7.75 -22.07
N LYS A 110 -10.58 -7.65 -22.78
CA LYS A 110 -11.05 -6.38 -23.30
C LYS A 110 -11.23 -5.40 -22.14
N GLU A 111 -11.89 -5.86 -21.09
CA GLU A 111 -12.16 -5.05 -19.91
C GLU A 111 -10.88 -4.56 -19.24
N LYS A 112 -9.90 -5.44 -19.15
CA LYS A 112 -8.67 -5.17 -18.43
C LYS A 112 -7.81 -4.12 -19.16
N GLU A 113 -7.64 -4.30 -20.46
CA GLU A 113 -6.83 -3.38 -21.26
C GLU A 113 -7.46 -1.99 -21.36
N PHE A 114 -8.78 -1.95 -21.30
CA PHE A 114 -9.47 -0.67 -21.24
C PHE A 114 -9.20 0.03 -19.91
N LEU A 115 -9.36 -0.68 -18.80
CA LEU A 115 -9.14 -0.04 -17.50
C LEU A 115 -7.69 0.40 -17.34
N LYS A 116 -6.75 -0.37 -17.86
CA LYS A 116 -5.34 -0.05 -17.71
C LYS A 116 -4.97 1.31 -18.32
N LYS A 117 -5.53 1.66 -19.48
CA LYS A 117 -5.20 2.94 -20.10
C LYS A 117 -6.05 4.09 -19.55
N LEU A 118 -7.28 3.79 -19.15
CA LEU A 118 -8.17 4.78 -18.53
C LEU A 118 -7.58 5.38 -17.25
N LYS A 119 -6.89 4.51 -16.51
CA LYS A 119 -6.00 4.85 -15.41
C LYS A 119 -5.23 6.17 -15.63
N LEU A 120 -4.73 6.39 -16.84
CA LEU A 120 -3.96 7.58 -17.15
C LEU A 120 -4.78 8.88 -17.08
N ASP A 121 -6.10 8.75 -17.19
CA ASP A 121 -6.95 9.92 -17.38
C ASP A 121 -7.77 10.25 -16.14
N ILE A 122 -7.61 9.47 -15.08
CA ILE A 122 -8.42 9.67 -13.88
C ILE A 122 -7.63 10.14 -12.65
N GLN A 123 -6.43 10.68 -12.85
CA GLN A 123 -5.59 11.10 -11.73
C GLN A 123 -5.96 12.51 -11.29
N PRO A 124 -6.30 12.67 -10.00
CA PRO A 124 -6.46 14.02 -9.46
C PRO A 124 -5.11 14.74 -9.34
N TYR A 125 -5.13 16.05 -9.19
CA TYR A 125 -3.91 16.77 -8.83
C TYR A 125 -3.93 16.96 -7.34
N ASP A 126 -3.16 16.13 -6.63
CA ASP A 126 -3.25 16.01 -5.19
C ASP A 126 -1.86 15.95 -4.59
N ILE A 127 -1.34 17.12 -4.21
CA ILE A 127 0.05 17.22 -3.74
C ILE A 127 0.33 16.36 -2.50
N ASN A 128 -0.51 16.39 -1.48
CA ASN A 128 -0.22 15.57 -0.32
C ASN A 128 -0.29 14.05 -0.62
N GLN A 129 -1.18 13.64 -1.53
CA GLN A 129 -1.29 12.21 -1.89
C GLN A 129 -0.09 11.74 -2.71
N ARG A 130 0.36 12.62 -3.60
CA ARG A 130 1.52 12.34 -4.42
C ARG A 130 2.74 12.11 -3.53
N LEU A 131 2.88 12.93 -2.49
CA LEU A 131 4.00 12.79 -1.56
C LEU A 131 3.91 11.50 -0.74
N GLN A 132 2.71 11.14 -0.31
CA GLN A 132 2.54 9.90 0.45
C GLN A 132 2.74 8.66 -0.41
N ASP A 133 2.18 8.67 -1.63
CA ASP A 133 2.29 7.51 -2.52
C ASP A 133 3.74 7.23 -2.94
N THR A 134 4.53 8.30 -3.04
CA THR A 134 5.92 8.17 -3.48
C THR A 134 6.91 8.23 -2.33
N GLY A 135 6.40 8.47 -1.12
CA GLY A 135 7.28 8.70 0.03
C GLY A 135 8.29 9.83 -0.21
N GLY A 136 7.88 10.87 -0.93
CA GLY A 136 8.76 11.98 -1.26
C GLY A 136 9.64 11.77 -2.49
N LEU A 137 9.63 10.55 -3.05
CA LEU A 137 10.41 10.27 -4.25
C LEU A 137 9.60 10.68 -5.49
N ILE A 138 9.47 11.98 -5.68
CA ILE A 138 8.49 12.54 -6.61
C ILE A 138 8.89 12.50 -8.09
N ASP A 139 10.14 12.14 -8.37
CA ASP A 139 10.55 11.89 -9.75
C ASP A 139 10.17 10.48 -10.25
N SER A 140 9.65 9.63 -9.37
CA SER A 140 9.24 8.28 -9.79
C SER A 140 8.24 8.35 -10.96
N PRO A 141 8.57 7.62 -12.05
CA PRO A 141 7.82 7.67 -13.32
C PRO A 141 6.47 6.94 -13.31
N SER A 142 5.58 7.28 -12.38
CA SER A 142 4.29 6.61 -12.21
C SER A 142 3.11 7.50 -12.63
N ILE A 143 3.43 8.70 -13.08
CA ILE A 143 2.44 9.65 -13.60
C ILE A 143 3.06 10.42 -14.76
N ASN A 144 2.22 11.04 -15.58
CA ASN A 144 2.65 11.91 -16.68
C ASN A 144 3.79 12.88 -16.32
N LEU A 145 4.79 12.94 -17.20
CA LEU A 145 5.99 13.74 -16.93
C LEU A 145 5.64 15.19 -16.62
N ASP A 146 4.77 15.78 -17.44
CA ASP A 146 4.48 17.20 -17.27
C ASP A 146 3.76 17.44 -15.96
N VAL A 147 2.90 16.50 -15.56
CA VAL A 147 2.26 16.61 -14.26
C VAL A 147 3.33 16.48 -13.16
N ARG A 148 4.27 15.55 -13.35
CA ARG A 148 5.40 15.35 -12.43
C ARG A 148 6.14 16.67 -12.18
N LYS A 149 6.39 17.41 -13.25
CA LYS A 149 7.16 18.65 -13.14
C LYS A 149 6.38 19.75 -12.40
N GLN A 150 5.06 19.83 -12.62
CA GLN A 150 4.22 20.75 -11.88
C GLN A 150 4.24 20.42 -10.39
N TYR A 151 4.14 19.13 -10.05
CA TYR A 151 4.20 18.73 -8.64
C TYR A 151 5.49 19.21 -7.98
N LYS A 152 6.60 19.03 -8.67
CA LYS A 152 7.91 19.36 -8.09
C LYS A 152 8.00 20.86 -7.84
N ARG A 153 7.56 21.63 -8.82
CA ARG A 153 7.43 23.08 -8.72
C ARG A 153 6.59 23.48 -7.50
N ASP A 154 5.36 22.97 -7.42
CA ASP A 154 4.46 23.31 -6.32
C ASP A 154 5.08 22.95 -4.96
N ILE A 155 5.72 21.79 -4.90
CA ILE A 155 6.26 21.29 -3.64
C ILE A 155 7.46 22.10 -3.19
N GLN A 156 8.36 22.40 -4.13
CA GLN A 156 9.46 23.32 -3.85
C GLN A 156 8.94 24.69 -3.38
N ASN A 157 7.86 25.19 -3.97
CA ASN A 157 7.35 26.48 -3.53
C ASN A 157 6.71 26.40 -2.14
N ILE A 158 6.06 25.28 -1.85
CA ILE A 158 5.47 25.12 -0.51
C ILE A 158 6.55 25.01 0.54
N ASP A 159 7.60 24.22 0.27
CA ASP A 159 8.74 24.14 1.16
C ASP A 159 9.28 25.54 1.51
N ALA A 160 9.29 26.43 0.51
CA ALA A 160 9.86 27.77 0.73
C ALA A 160 8.86 28.68 1.47
N LEU A 161 7.57 28.46 1.31
CA LEU A 161 6.57 29.15 2.13
C LEU A 161 6.72 28.79 3.62
N LEU A 162 6.96 27.51 3.90
CA LEU A 162 7.00 27.04 5.28
C LEU A 162 8.39 27.19 5.90
N HIS A 163 8.78 28.44 6.17
CA HIS A 163 10.13 28.73 6.64
C HIS A 163 10.20 29.15 8.10
N GLN A 164 9.05 29.36 8.74
CA GLN A 164 9.06 29.86 10.11
C GLN A 164 8.75 28.77 11.12
N SER A 165 9.71 28.54 12.01
CA SER A 165 9.58 27.49 13.01
C SER A 165 8.62 27.90 14.10
N ILE A 166 8.06 26.91 14.80
CA ILE A 166 7.15 27.13 15.91
C ILE A 166 7.88 27.86 17.06
N GLY A 167 9.19 27.68 17.15
CA GLY A 167 10.00 28.45 18.08
C GLY A 167 10.12 27.87 19.48
N SER A 168 11.10 28.36 20.23
CA SER A 168 11.44 27.83 21.56
C SER A 168 10.47 28.23 22.68
N THR A 169 9.59 29.20 22.42
CA THR A 169 8.59 29.58 23.41
C THR A 169 7.38 28.63 23.40
N LEU A 170 6.89 28.33 22.20
CA LEU A 170 5.65 27.58 22.06
C LEU A 170 5.81 26.06 22.08
N TYR A 171 6.98 25.56 21.65
CA TYR A 171 7.12 24.13 21.33
C TYR A 171 6.79 23.19 22.49
N ASN A 172 7.08 23.60 23.71
CA ASN A 172 6.80 22.74 24.86
C ASN A 172 5.63 23.27 25.66
N LYS A 173 4.82 24.10 25.05
CA LYS A 173 3.65 24.65 25.74
C LYS A 173 2.35 24.30 25.01
N ILE A 174 2.47 23.63 23.87
CA ILE A 174 1.29 23.28 23.09
C ILE A 174 1.33 21.84 22.58
N TYR A 175 0.16 21.21 22.52
CA TYR A 175 -0.03 19.99 21.76
C TYR A 175 -0.79 20.33 20.50
N LEU A 176 -0.58 19.54 19.46
CA LEU A 176 -1.41 19.61 18.27
C LEU A 176 -2.03 18.24 18.00
N TYR A 177 -3.13 18.23 17.26
CA TYR A 177 -3.90 17.03 17.17
C TYR A 177 -4.17 16.65 15.73
N GLU A 178 -4.30 15.34 15.51
CA GLU A 178 -4.72 14.85 14.21
C GLU A 178 -5.59 13.61 14.38
N ASN A 179 -6.84 13.68 13.92
CA ASN A 179 -7.72 12.51 13.87
C ASN A 179 -7.41 11.72 12.61
N MET A 180 -7.36 10.40 12.72
CA MET A 180 -6.92 9.59 11.60
C MET A 180 -7.77 8.34 11.46
N ASN A 181 -7.99 7.94 10.21
CA ASN A 181 -8.64 6.70 9.89
C ASN A 181 -7.63 5.56 9.96
N ILE A 182 -7.96 4.52 10.71
CA ILE A 182 -6.99 3.45 10.95
C ILE A 182 -6.56 2.74 9.65
N ASN A 183 -7.43 2.74 8.64
CA ASN A 183 -7.11 2.12 7.36
C ASN A 183 -5.91 2.77 6.67
N ASN A 184 -5.71 4.05 6.93
CA ASN A 184 -4.58 4.84 6.42
C ASN A 184 -3.23 4.20 6.79
N LEU A 185 -3.22 3.46 7.90
CA LEU A 185 -1.98 2.86 8.38
C LEU A 185 -1.96 1.34 8.11
N THR A 186 -3.02 0.66 8.52
CA THR A 186 -3.16 -0.78 8.33
C THR A 186 -4.56 -1.12 7.89
N ALA A 187 -4.74 -1.44 6.62
CA ALA A 187 -6.05 -1.88 6.19
C ALA A 187 -6.33 -3.26 6.81
N THR A 188 -5.26 -4.02 7.09
CA THR A 188 -5.39 -5.38 7.62
C THR A 188 -5.89 -5.43 9.07
N LEU A 189 -5.33 -4.59 9.93
CA LEU A 189 -5.78 -4.53 11.31
C LEU A 189 -7.06 -3.72 11.39
N GLY A 190 -7.16 -2.72 10.51
CA GLY A 190 -8.34 -1.87 10.42
C GLY A 190 -9.63 -2.68 10.35
N ALA A 191 -9.60 -3.77 9.59
CA ALA A 191 -10.81 -4.56 9.35
C ALA A 191 -11.37 -5.19 10.63
N ASP A 192 -10.56 -5.23 11.69
CA ASP A 192 -10.93 -5.95 12.90
C ASP A 192 -10.69 -5.17 14.18
N LEU A 193 -10.10 -3.98 14.08
CA LEU A 193 -9.68 -3.30 15.30
C LEU A 193 -10.89 -2.83 16.09
N VAL A 194 -12.03 -2.68 15.43
CA VAL A 194 -13.25 -2.38 16.17
C VAL A 194 -13.99 -3.68 16.54
N ASP A 195 -14.44 -3.75 17.80
CA ASP A 195 -15.15 -4.93 18.31
C ASP A 195 -16.36 -5.28 17.47
N SER A 196 -16.40 -6.53 17.00
CA SER A 196 -17.35 -7.01 15.98
C SER A 196 -18.83 -6.75 16.28
N THR A 197 -19.21 -6.87 17.54
CA THR A 197 -20.61 -6.77 17.93
C THR A 197 -20.92 -5.48 18.69
N ASP A 198 -19.88 -4.90 19.28
CA ASP A 198 -20.02 -3.65 20.02
C ASP A 198 -18.99 -2.66 19.53
N ASN A 199 -19.36 -1.88 18.53
CA ASN A 199 -18.39 -0.99 17.89
C ASN A 199 -18.16 0.29 18.66
N THR A 200 -18.56 0.30 19.92
CA THR A 200 -18.10 1.32 20.85
C THR A 200 -16.80 0.84 21.49
N LYS A 201 -16.36 -0.35 21.13
CA LYS A 201 -15.21 -0.98 21.76
C LYS A 201 -14.12 -1.36 20.78
N ILE A 202 -12.89 -1.32 21.26
CA ILE A 202 -11.72 -1.74 20.49
C ILE A 202 -11.36 -3.21 20.82
N ASN A 203 -11.10 -4.01 19.80
CA ASN A 203 -10.59 -5.36 20.01
C ASN A 203 -9.22 -5.33 20.70
N ARG A 204 -9.17 -5.81 21.94
CA ARG A 204 -7.95 -5.75 22.76
C ARG A 204 -6.76 -6.46 22.10
N GLY A 205 -7.03 -7.59 21.47
CA GLY A 205 -5.97 -8.37 20.85
C GLY A 205 -5.43 -7.66 19.62
N ILE A 206 -6.32 -7.17 18.77
CA ILE A 206 -5.88 -6.42 17.60
C ILE A 206 -5.13 -5.16 18.05
N PHE A 207 -5.66 -4.46 19.04
CA PHE A 207 -4.98 -3.30 19.62
C PHE A 207 -3.53 -3.62 19.99
N ASN A 208 -3.30 -4.78 20.59
CA ASN A 208 -1.95 -5.17 20.93
C ASN A 208 -1.10 -5.39 19.69
N GLU A 209 -1.70 -5.95 18.65
CA GLU A 209 -1.01 -6.13 17.38
C GLU A 209 -0.60 -4.76 16.81
N PHE A 210 -1.53 -3.81 16.87
CA PHE A 210 -1.31 -2.47 16.33
C PHE A 210 -0.20 -1.71 17.07
N LYS A 211 -0.16 -1.88 18.38
CA LYS A 211 0.67 -1.12 19.30
C LYS A 211 2.08 -1.68 19.50
N LYS A 212 2.21 -3.01 19.42
CA LYS A 212 3.42 -3.68 19.89
C LYS A 212 4.68 -3.27 19.12
N ASN A 213 4.53 -2.95 17.84
CA ASN A 213 5.66 -2.59 17.01
C ASN A 213 5.60 -1.15 16.47
N PHE A 214 4.84 -0.31 17.16
CA PHE A 214 4.63 1.07 16.73
C PHE A 214 5.50 1.98 17.60
N LYS A 215 6.74 2.17 17.15
CA LYS A 215 7.73 2.97 17.89
C LYS A 215 8.10 4.26 17.15
N TYR A 216 7.99 4.28 15.82
CA TYR A 216 8.26 5.53 15.13
C TYR A 216 7.47 5.68 13.83
N SER A 217 7.42 6.93 13.36
CA SER A 217 6.50 7.33 12.33
C SER A 217 7.17 8.37 11.46
N ILE A 218 6.92 8.31 10.15
CA ILE A 218 7.44 9.32 9.26
C ILE A 218 6.34 10.03 8.51
N SER A 219 6.46 11.33 8.39
CA SER A 219 5.57 12.10 7.54
C SER A 219 6.32 12.60 6.33
N SER A 220 6.02 12.03 5.18
CA SER A 220 6.63 12.48 3.94
C SER A 220 5.80 13.56 3.25
N ASN A 221 4.54 13.72 3.65
CA ASN A 221 3.76 14.82 3.10
C ASN A 221 3.57 15.90 4.17
N TYR A 222 2.72 16.88 3.90
CA TYR A 222 2.57 17.99 4.82
C TYR A 222 1.42 17.69 5.77
N MET A 223 1.74 17.41 7.04
CA MET A 223 0.68 17.16 8.01
C MET A 223 -0.14 18.43 8.24
N ILE A 224 -1.46 18.29 8.18
CA ILE A 224 -2.39 19.34 8.58
C ILE A 224 -2.98 18.96 9.93
N VAL A 225 -2.62 19.71 10.96
CA VAL A 225 -2.98 19.35 12.32
C VAL A 225 -3.88 20.41 12.92
N ASP A 226 -4.71 19.99 13.87
CA ASP A 226 -5.60 20.90 14.58
C ASP A 226 -4.91 21.45 15.82
N ILE A 227 -5.08 22.74 16.04
CA ILE A 227 -4.58 23.37 17.24
C ILE A 227 -5.34 22.88 18.45
N ASN A 228 -6.65 22.69 18.25
CA ASN A 228 -7.53 22.19 19.29
C ASN A 228 -8.14 20.84 18.86
N GLU A 229 -8.17 19.88 19.78
CA GLU A 229 -8.60 18.53 19.40
C GLU A 229 -10.05 18.55 18.95
N ARG A 230 -10.32 17.88 17.84
CA ARG A 230 -11.67 17.86 17.26
C ARG A 230 -12.34 16.53 17.57
N PRO A 231 -13.63 16.56 17.93
CA PRO A 231 -14.33 15.28 18.19
C PRO A 231 -14.29 14.41 16.96
N ALA A 232 -14.10 13.11 17.17
CA ALA A 232 -13.90 12.17 16.07
C ALA A 232 -15.11 12.09 15.15
N LEU A 233 -14.83 11.89 13.87
CA LEU A 233 -15.88 11.57 12.93
C LEU A 233 -16.04 10.06 12.86
N ASP A 234 -16.85 9.61 11.89
CA ASP A 234 -17.22 8.22 11.72
C ASP A 234 -16.01 7.31 11.61
N ASN A 235 -15.23 7.52 10.56
CA ASN A 235 -14.11 6.65 10.26
C ASN A 235 -12.84 6.89 11.10
N GLU A 236 -12.92 7.77 12.09
CA GLU A 236 -11.73 8.20 12.85
C GLU A 236 -11.64 7.55 14.23
N ARG A 237 -10.88 6.46 14.34
CA ARG A 237 -10.68 5.89 15.67
C ARG A 237 -9.29 6.19 16.23
N LEU A 238 -8.40 6.78 15.41
CA LEU A 238 -7.06 7.17 15.88
C LEU A 238 -6.99 8.65 16.20
N LYS A 239 -6.57 8.98 17.41
CA LYS A 239 -6.47 10.39 17.79
C LYS A 239 -5.05 10.73 18.20
N TRP A 240 -4.31 11.33 17.26
CA TRP A 240 -2.93 11.72 17.51
C TRP A 240 -2.84 12.99 18.35
N ARG A 241 -1.86 13.01 19.25
CA ARG A 241 -1.51 14.17 20.03
C ARG A 241 -0.01 14.37 19.90
N ILE A 242 0.38 15.51 19.36
CA ILE A 242 1.73 15.68 18.82
C ILE A 242 2.46 16.84 19.47
N GLN A 243 3.70 16.57 19.88
CA GLN A 243 4.56 17.64 20.35
C GLN A 243 5.60 17.99 19.28
N LEU A 244 5.61 19.25 18.89
CA LEU A 244 6.57 19.76 17.92
C LEU A 244 7.92 19.99 18.59
N SER A 245 8.96 20.11 17.78
CA SER A 245 10.26 20.53 18.30
C SER A 245 10.43 22.01 17.95
N PRO A 246 11.32 22.73 18.67
CA PRO A 246 11.41 24.19 18.48
C PRO A 246 11.72 24.58 17.04
N ASP A 247 12.38 23.72 16.28
CA ASP A 247 12.78 24.09 14.94
C ASP A 247 11.85 23.52 13.85
N THR A 248 10.76 22.85 14.26
CA THR A 248 9.77 22.39 13.29
C THR A 248 9.15 23.58 12.56
N ARG A 249 9.24 23.59 11.24
CA ARG A 249 8.63 24.66 10.44
C ARG A 249 7.18 24.36 10.14
N ALA A 250 6.38 25.42 10.14
CA ALA A 250 4.95 25.29 9.94
C ALA A 250 4.34 26.60 9.48
N GLY A 251 3.07 26.54 9.06
CA GLY A 251 2.35 27.74 8.69
C GLY A 251 0.98 27.67 9.31
N TYR A 252 0.38 28.83 9.57
CA TYR A 252 -0.98 28.84 10.10
C TYR A 252 -2.01 28.76 8.98
N LEU A 253 -3.06 27.96 9.19
CA LEU A 253 -4.20 27.88 8.27
C LEU A 253 -5.48 28.28 9.00
N GLU A 254 -6.43 28.82 8.26
CA GLU A 254 -7.66 29.36 8.85
C GLU A 254 -8.39 28.27 9.61
N ASN A 255 -9.13 28.70 10.63
CA ASN A 255 -9.95 27.83 11.45
C ASN A 255 -9.11 27.02 12.43
N GLY A 256 -7.96 27.58 12.80
CA GLY A 256 -7.17 27.04 13.89
C GLY A 256 -6.39 25.78 13.57
N LYS A 257 -5.66 25.81 12.46
CA LYS A 257 -4.85 24.67 12.02
C LYS A 257 -3.42 25.12 11.73
N LEU A 258 -2.48 24.18 11.79
CA LEU A 258 -1.15 24.38 11.27
C LEU A 258 -0.90 23.40 10.13
N ILE A 259 -0.17 23.84 9.11
CA ILE A 259 0.40 22.88 8.19
C ILE A 259 1.90 22.74 8.52
N LEU A 260 2.36 21.51 8.72
CA LEU A 260 3.74 21.26 9.10
C LEU A 260 4.57 21.02 7.86
N GLN A 261 5.84 21.42 7.90
CA GLN A 261 6.81 20.98 6.91
C GLN A 261 6.78 19.46 6.72
N ARG A 262 7.08 19.03 5.49
CA ARG A 262 7.19 17.62 5.14
C ARG A 262 8.51 17.05 5.67
N ASN A 263 8.70 15.74 5.50
CA ASN A 263 9.89 15.03 5.95
C ASN A 263 10.24 15.24 7.42
N ILE A 264 9.30 14.93 8.30
CA ILE A 264 9.66 14.93 9.71
C ILE A 264 9.52 13.53 10.26
N GLY A 265 10.21 13.29 11.37
CA GLY A 265 10.10 12.02 12.06
C GLY A 265 9.27 12.21 13.31
N LEU A 266 8.63 11.14 13.74
CA LEU A 266 7.92 11.14 14.99
C LEU A 266 8.34 9.92 15.80
N GLU A 267 8.70 10.15 17.06
CA GLU A 267 8.87 9.06 18.00
C GLU A 267 7.57 8.86 18.72
N ILE A 268 7.11 7.61 18.80
CA ILE A 268 5.88 7.29 19.50
C ILE A 268 6.15 7.19 21.00
N LYS A 269 5.47 8.01 21.80
CA LYS A 269 5.70 8.05 23.24
C LYS A 269 4.78 7.12 24.00
N ASP A 270 3.55 6.99 23.50
CA ASP A 270 2.51 6.25 24.21
C ASP A 270 1.35 5.94 23.26
N VAL A 271 0.75 4.77 23.47
CA VAL A 271 -0.41 4.36 22.70
C VAL A 271 -1.36 3.74 23.68
N GLN A 272 -2.54 4.33 23.81
CA GLN A 272 -3.51 3.95 24.83
C GLN A 272 -4.93 3.92 24.27
N ILE A 273 -5.75 3.00 24.78
CA ILE A 273 -7.19 3.04 24.54
C ILE A 273 -7.80 4.05 25.50
N ILE A 274 -8.52 5.03 24.98
CA ILE A 274 -9.16 6.06 25.79
C ILE A 274 -10.64 6.11 25.47
N LYS A 275 -11.42 6.78 26.31
CA LYS A 275 -12.87 6.92 26.11
C LYS A 275 -13.28 8.38 25.95
N GLN A 276 -14.04 8.66 24.91
CA GLN A 276 -14.60 9.99 24.68
C GLN A 276 -16.06 9.82 24.30
N SER A 277 -16.95 10.31 25.15
CA SER A 277 -18.40 10.19 24.92
C SER A 277 -18.81 8.73 24.75
N GLU A 278 -18.47 7.91 25.74
CA GLU A 278 -18.88 6.52 25.75
C GLU A 278 -18.50 5.77 24.46
N LYS A 279 -17.37 6.12 23.87
CA LYS A 279 -16.82 5.31 22.78
C LYS A 279 -15.30 5.21 22.92
N GLU A 280 -14.75 4.10 22.44
CA GLU A 280 -13.32 3.88 22.60
C GLU A 280 -12.51 4.37 21.39
N TYR A 281 -11.42 5.05 21.70
CA TYR A 281 -10.51 5.58 20.69
C TYR A 281 -9.11 5.17 21.04
N ILE A 282 -8.21 5.24 20.07
CA ILE A 282 -6.80 5.03 20.30
C ILE A 282 -6.03 6.37 20.34
N ARG A 283 -5.54 6.73 21.52
CA ARG A 283 -4.69 7.90 21.68
C ARG A 283 -3.27 7.54 21.26
N ILE A 284 -2.70 8.34 20.36
CA ILE A 284 -1.30 8.17 20.00
C ILE A 284 -0.56 9.45 20.39
N ASP A 285 0.41 9.30 21.28
CA ASP A 285 1.25 10.41 21.68
C ASP A 285 2.57 10.35 20.95
N ALA A 286 2.92 11.43 20.27
CA ALA A 286 4.12 11.42 19.44
C ALA A 286 4.86 12.74 19.57
N LYS A 287 6.17 12.66 19.39
CA LYS A 287 7.04 13.82 19.48
C LYS A 287 7.82 13.91 18.19
N VAL A 288 7.91 15.12 17.65
CA VAL A 288 8.65 15.34 16.42
C VAL A 288 10.16 15.30 16.68
N VAL A 289 10.88 14.61 15.80
CA VAL A 289 12.33 14.46 15.89
C VAL A 289 12.87 14.58 14.49
N PRO A 290 14.19 14.77 14.35
CA PRO A 290 14.71 14.82 12.98
C PRO A 290 14.43 13.53 12.21
N LYS A 291 13.95 13.65 10.98
CA LYS A 291 13.67 12.48 10.17
C LYS A 291 14.92 11.60 10.05
N SER A 292 16.09 12.24 9.97
CA SER A 292 17.36 11.54 9.83
C SER A 292 17.59 10.55 10.96
N LYS A 293 17.04 10.87 12.12
CA LYS A 293 17.24 10.03 13.29
C LYS A 293 16.45 8.73 13.13
N ILE A 294 15.29 8.85 12.51
CA ILE A 294 14.46 7.69 12.23
C ILE A 294 15.01 6.89 11.05
N ASP A 295 15.53 7.57 10.05
CA ASP A 295 16.12 6.87 8.92
C ASP A 295 17.32 6.04 9.36
N THR A 296 18.03 6.51 10.37
CA THR A 296 19.17 5.77 10.88
C THR A 296 18.69 4.46 11.51
N LYS A 297 17.59 4.52 12.23
CA LYS A 297 17.03 3.33 12.88
C LYS A 297 16.56 2.31 11.84
N ILE A 298 15.99 2.82 10.75
CA ILE A 298 15.53 1.95 9.65
C ILE A 298 16.71 1.28 8.95
N GLN A 299 17.76 2.03 8.66
CA GLN A 299 18.93 1.47 7.99
C GLN A 299 19.63 0.45 8.89
N GLU A 300 19.66 0.70 10.20
CA GLU A 300 20.22 -0.29 11.12
C GLU A 300 19.39 -1.57 11.12
N ALA A 301 18.07 -1.44 11.07
CA ALA A 301 17.20 -2.61 11.04
C ALA A 301 17.40 -3.41 9.74
N GLN A 302 17.60 -2.70 8.64
CA GLN A 302 17.83 -3.33 7.35
C GLN A 302 19.14 -4.11 7.39
N LEU A 303 20.15 -3.53 8.01
CA LEU A 303 21.42 -4.24 8.18
C LEU A 303 21.26 -5.50 9.02
N ASN A 304 20.53 -5.37 10.12
CA ASN A 304 20.34 -6.50 11.02
C ASN A 304 19.52 -7.61 10.38
N ILE A 305 18.45 -7.29 9.66
CA ILE A 305 17.60 -8.35 9.14
C ILE A 305 18.30 -9.08 7.99
N ASN A 306 19.19 -8.40 7.29
CA ASN A 306 19.94 -9.08 6.26
C ASN A 306 20.98 -10.00 6.86
N GLN A 307 21.67 -9.54 7.90
CA GLN A 307 22.68 -10.37 8.56
C GLN A 307 22.06 -11.66 9.09
N GLU A 308 20.93 -11.53 9.76
CA GLU A 308 20.22 -12.68 10.29
C GLU A 308 19.80 -13.64 9.17
N TRP A 309 19.23 -13.10 8.09
CA TRP A 309 18.69 -14.00 7.08
C TRP A 309 19.73 -14.51 6.09
N ASN A 310 20.75 -13.70 5.78
CA ASN A 310 21.87 -14.21 4.99
C ASN A 310 22.48 -15.46 5.66
N LYS A 311 22.56 -15.47 6.97
CA LYS A 311 23.15 -16.60 7.67
C LYS A 311 22.20 -17.80 7.62
N ALA A 312 20.91 -17.54 7.82
CA ALA A 312 19.91 -18.59 7.82
C ALA A 312 19.75 -19.23 6.43
N LEU A 313 19.96 -18.44 5.38
CA LEU A 313 19.76 -18.96 4.03
C LEU A 313 21.08 -19.36 3.40
N GLY A 314 22.16 -19.27 4.17
CA GLY A 314 23.49 -19.58 3.67
C GLY A 314 23.94 -18.69 2.53
N LEU A 315 23.64 -17.39 2.62
CA LEU A 315 24.13 -16.42 1.64
C LEU A 315 25.37 -15.70 2.16
N PRO A 316 26.23 -15.19 1.25
CA PRO A 316 27.35 -14.37 1.73
C PRO A 316 26.81 -13.27 2.63
N LYS A 317 27.56 -12.91 3.65
CA LYS A 317 27.07 -12.02 4.69
C LYS A 317 26.70 -10.64 4.14
N TYR A 318 27.38 -10.22 3.07
CA TYR A 318 27.20 -8.86 2.53
C TYR A 318 26.00 -8.76 1.59
N THR A 319 25.41 -9.89 1.25
CA THR A 319 24.26 -9.93 0.32
C THR A 319 23.15 -8.94 0.72
N LYS A 320 22.79 -8.08 -0.22
CA LYS A 320 21.68 -7.16 -0.01
C LYS A 320 20.40 -7.79 -0.57
N LEU A 321 19.65 -8.46 0.31
CA LEU A 321 18.47 -9.20 -0.12
C LEU A 321 17.20 -8.47 0.28
N ILE A 322 17.16 -8.06 1.53
CA ILE A 322 15.97 -7.45 2.09
C ILE A 322 16.11 -5.92 2.09
N THR A 323 15.13 -5.23 1.53
CA THR A 323 15.12 -3.76 1.51
C THR A 323 13.91 -3.18 2.23
N PHE A 324 14.14 -2.16 3.06
CA PHE A 324 13.04 -1.40 3.65
C PHE A 324 12.89 -0.10 2.87
N ASN A 325 11.83 0.02 2.09
CA ASN A 325 11.55 1.28 1.43
C ASN A 325 10.43 1.97 2.20
N VAL A 326 10.80 2.69 3.26
CA VAL A 326 9.83 3.12 4.26
C VAL A 326 9.81 4.64 4.46
N HIS A 327 8.63 5.25 4.31
CA HIS A 327 8.52 6.70 4.33
C HIS A 327 7.29 7.26 5.02
N ASN A 328 6.39 6.41 5.49
CA ASN A 328 5.10 6.94 5.96
C ASN A 328 4.76 6.63 7.42
N ARG A 329 3.54 6.96 7.83
CA ARG A 329 3.20 7.13 9.25
C ARG A 329 3.20 5.87 10.12
N TYR A 330 3.24 4.70 9.50
CA TYR A 330 3.26 3.45 10.27
C TYR A 330 4.62 2.78 10.15
N ALA A 331 5.66 3.58 9.87
CA ALA A 331 7.00 3.09 9.50
C ALA A 331 7.54 1.88 10.28
N SER A 332 7.60 1.97 11.60
CA SER A 332 8.28 0.94 12.39
C SER A 332 7.56 -0.40 12.25
N ASN A 333 6.28 -0.38 11.95
CA ASN A 333 5.56 -1.64 11.81
C ASN A 333 5.89 -2.35 10.51
N ILE A 334 6.12 -1.58 9.44
CA ILE A 334 6.60 -2.18 8.20
C ILE A 334 7.91 -2.90 8.47
N VAL A 335 8.80 -2.21 9.19
CA VAL A 335 10.10 -2.76 9.50
C VAL A 335 10.04 -4.03 10.33
N GLU A 336 9.36 -3.96 11.48
CA GLU A 336 9.31 -5.08 12.41
C GLU A 336 8.49 -6.27 11.89
N SER A 337 7.43 -6.02 11.11
CA SER A 337 6.59 -7.14 10.68
C SER A 337 7.30 -7.98 9.60
N ALA A 338 8.33 -7.40 8.99
CA ALA A 338 9.14 -8.10 8.02
C ALA A 338 9.78 -9.32 8.66
N TYR A 339 10.27 -9.16 9.89
CA TYR A 339 10.84 -10.28 10.64
C TYR A 339 9.83 -11.42 10.78
N LEU A 340 8.59 -11.05 11.13
CA LEU A 340 7.54 -12.04 11.38
C LEU A 340 7.11 -12.70 10.07
N ILE A 341 6.96 -11.89 9.04
CA ILE A 341 6.62 -12.41 7.72
C ILE A 341 7.63 -13.44 7.23
N LEU A 342 8.92 -13.16 7.35
CA LEU A 342 9.91 -14.10 6.87
C LEU A 342 10.02 -15.33 7.79
N ASN A 343 9.77 -15.18 9.09
CA ASN A 343 9.66 -16.34 9.99
C ASN A 343 8.61 -17.34 9.50
N GLU A 344 7.40 -16.84 9.24
CA GLU A 344 6.31 -17.70 8.79
C GLU A 344 6.64 -18.38 7.47
N TRP A 345 7.28 -17.62 6.59
CA TRP A 345 7.76 -18.08 5.30
C TRP A 345 8.66 -19.30 5.46
N LYS A 346 9.70 -19.16 6.29
CA LYS A 346 10.63 -20.24 6.55
C LYS A 346 9.95 -21.38 7.32
N ASN A 347 9.02 -21.07 8.20
CA ASN A 347 8.28 -22.11 8.91
C ASN A 347 7.46 -22.99 7.96
N ASN A 348 6.83 -22.38 6.96
CA ASN A 348 5.84 -23.11 6.16
C ASN A 348 6.35 -23.70 4.84
N ILE A 349 7.56 -23.35 4.43
CA ILE A 349 8.08 -23.85 3.18
C ILE A 349 9.35 -24.68 3.39
N GLN A 350 9.47 -25.83 2.71
CA GLN A 350 10.67 -26.67 2.79
C GLN A 350 11.92 -25.84 2.63
N SER A 351 12.89 -26.08 3.51
CA SER A 351 14.13 -25.31 3.52
C SER A 351 14.89 -25.32 2.19
N ASP A 352 14.94 -26.47 1.51
CA ASP A 352 15.67 -26.57 0.23
C ASP A 352 15.02 -25.77 -0.92
N LEU A 353 13.70 -25.66 -0.92
CA LEU A 353 12.99 -24.87 -1.93
C LEU A 353 13.31 -23.38 -1.76
N ILE A 354 13.20 -22.94 -0.52
CA ILE A 354 13.50 -21.58 -0.15
C ILE A 354 14.93 -21.21 -0.51
N LYS A 355 15.87 -22.08 -0.17
CA LYS A 355 17.26 -21.81 -0.49
C LYS A 355 17.53 -21.81 -2.00
N LYS A 356 17.01 -22.80 -2.73
CA LYS A 356 17.22 -22.83 -4.16
C LYS A 356 16.64 -21.60 -4.88
N VAL A 357 15.41 -21.24 -4.54
CA VAL A 357 14.75 -20.13 -5.22
C VAL A 357 15.43 -18.83 -4.87
N THR A 358 15.72 -18.63 -3.58
CA THR A 358 16.31 -17.37 -3.16
C THR A 358 17.69 -17.17 -3.78
N ASN A 359 18.45 -18.24 -3.95
CA ASN A 359 19.74 -18.12 -4.61
C ASN A 359 19.58 -17.67 -6.05
N TYR A 360 18.57 -18.20 -6.71
CA TYR A 360 18.23 -17.77 -8.07
C TYR A 360 17.90 -16.29 -8.13
N LEU A 361 17.09 -15.82 -7.18
CA LEU A 361 16.75 -14.40 -7.09
C LEU A 361 18.01 -13.55 -6.83
N VAL A 362 18.81 -13.96 -5.85
CA VAL A 362 20.06 -13.26 -5.55
C VAL A 362 20.98 -13.24 -6.78
N ASP A 363 21.00 -14.34 -7.54
CA ASP A 363 21.81 -14.44 -8.75
C ASP A 363 21.43 -13.38 -9.77
N GLY A 364 20.16 -12.97 -9.76
CA GLY A 364 19.72 -11.89 -10.62
C GLY A 364 19.64 -10.54 -9.90
N ASN A 365 20.32 -10.41 -8.76
CA ASN A 365 20.32 -9.18 -7.97
C ASN A 365 18.93 -8.80 -7.44
N GLY A 366 18.09 -9.80 -7.19
CA GLY A 366 16.75 -9.59 -6.69
C GLY A 366 16.66 -9.11 -5.25
N ARG A 367 15.47 -8.70 -4.85
CA ARG A 367 15.26 -8.18 -3.51
C ARG A 367 13.92 -8.64 -2.95
N PHE A 368 13.81 -8.68 -1.62
CA PHE A 368 12.52 -8.66 -0.94
C PHE A 368 12.30 -7.22 -0.47
N VAL A 369 11.37 -6.51 -1.10
CA VAL A 369 11.13 -5.12 -0.72
C VAL A 369 9.88 -5.00 0.16
N PHE A 370 10.08 -4.53 1.37
CA PHE A 370 8.98 -4.23 2.26
C PHE A 370 8.81 -2.73 2.29
N THR A 371 7.62 -2.25 1.93
CA THR A 371 7.45 -0.82 1.71
C THR A 371 6.10 -0.31 2.21
N ASP A 372 6.03 1.00 2.47
CA ASP A 372 4.73 1.63 2.67
C ASP A 372 4.44 2.72 1.63
N ILE A 373 5.15 2.70 0.50
CA ILE A 373 4.79 3.54 -0.63
C ILE A 373 4.20 2.61 -1.70
N THR A 374 3.44 3.16 -2.66
CA THR A 374 2.69 2.30 -3.58
C THR A 374 3.63 1.66 -4.61
N LEU A 375 3.29 0.45 -5.03
CA LEU A 375 4.19 -0.37 -5.82
C LEU A 375 4.63 0.26 -7.17
N PRO A 376 3.78 1.07 -7.83
CA PRO A 376 4.33 1.72 -9.04
C PRO A 376 5.50 2.65 -8.76
N ASN A 377 5.70 3.04 -7.50
CA ASN A 377 6.78 3.97 -7.21
C ASN A 377 7.99 3.25 -6.66
N ILE A 378 7.98 1.92 -6.77
CA ILE A 378 9.12 1.10 -6.41
C ILE A 378 9.93 0.81 -7.66
N ALA A 379 11.22 1.14 -7.63
CA ALA A 379 12.14 0.96 -8.77
C ALA A 379 12.21 -0.47 -9.29
N GLU A 380 12.18 -1.46 -8.39
CA GLU A 380 12.21 -2.85 -8.86
C GLU A 380 11.02 -3.15 -9.76
N GLN A 381 9.96 -2.34 -9.68
CA GLN A 381 8.90 -2.44 -10.69
C GLN A 381 9.07 -1.45 -11.84
N TYR A 382 9.15 -0.15 -11.54
CA TYR A 382 9.02 0.82 -12.62
C TYR A 382 10.20 0.83 -13.58
N THR A 383 11.38 0.40 -13.16
CA THR A 383 12.52 0.40 -14.06
C THR A 383 12.33 -0.65 -15.17
N HIS A 384 11.41 -1.59 -14.98
CA HIS A 384 11.14 -2.61 -15.98
C HIS A 384 9.74 -2.47 -16.55
N GLN A 385 9.00 -1.49 -16.06
CA GLN A 385 7.64 -1.31 -16.47
C GLN A 385 7.40 0.17 -16.79
N ASP A 386 7.91 0.59 -17.93
CA ASP A 386 7.90 1.97 -18.42
C ASP A 386 6.50 2.54 -18.58
N GLU A 387 5.59 1.71 -19.07
CA GLU A 387 4.21 2.09 -19.32
C GLU A 387 3.42 2.16 -18.02
N ILE A 388 2.96 3.35 -17.67
CA ILE A 388 2.05 3.50 -16.53
C ILE A 388 0.85 2.55 -16.67
N TYR A 389 0.39 2.30 -17.89
CA TYR A 389 -0.80 1.48 -18.01
C TYR A 389 -0.49 0.03 -17.60
N GLU A 390 0.79 -0.35 -17.64
CA GLU A 390 1.22 -1.68 -17.21
C GLU A 390 1.66 -1.74 -15.74
N GLN A 391 1.78 -0.58 -15.10
CA GLN A 391 2.17 -0.53 -13.69
C GLN A 391 1.04 -0.98 -12.78
N VAL A 392 1.42 -1.70 -11.73
CA VAL A 392 0.46 -2.34 -10.85
C VAL A 392 0.52 -1.82 -9.42
N HIS A 393 -0.64 -1.48 -8.85
CA HIS A 393 -0.62 -1.39 -7.40
CA HIS A 393 -0.86 -1.24 -7.41
C HIS A 393 -1.43 -2.54 -6.83
N SER A 394 -0.92 -3.04 -5.71
CA SER A 394 -1.58 -4.11 -4.96
C SER A 394 -0.80 -4.41 -3.68
N LYS A 395 -1.30 -5.41 -2.95
CA LYS A 395 -0.69 -5.84 -1.71
C LYS A 395 0.72 -6.38 -1.97
N GLY A 396 0.89 -7.07 -3.08
CA GLY A 396 2.19 -7.62 -3.43
C GLY A 396 2.43 -7.78 -4.92
N LEU A 397 3.68 -8.05 -5.29
CA LEU A 397 4.01 -8.26 -6.70
C LEU A 397 5.29 -9.05 -6.82
N TYR A 398 5.39 -9.87 -7.86
CA TYR A 398 6.68 -10.43 -8.20
C TYR A 398 7.06 -9.93 -9.57
N VAL A 399 8.28 -9.42 -9.70
CA VAL A 399 8.75 -8.85 -10.94
C VAL A 399 9.91 -9.71 -11.45
N PRO A 400 9.66 -10.50 -12.51
CA PRO A 400 10.68 -11.44 -12.98
C PRO A 400 11.93 -10.72 -13.51
N GLU A 401 11.72 -9.59 -14.18
CA GLU A 401 12.83 -8.85 -14.77
C GLU A 401 13.82 -8.41 -13.70
N SER A 402 13.34 -8.21 -12.49
CA SER A 402 14.22 -7.80 -11.40
C SER A 402 14.34 -8.87 -10.31
N ARG A 403 13.71 -10.01 -10.54
CA ARG A 403 13.71 -11.14 -9.60
C ARG A 403 13.38 -10.66 -8.20
N SER A 404 12.37 -9.80 -8.12
CA SER A 404 12.08 -9.14 -6.85
C SER A 404 10.66 -9.36 -6.38
N ILE A 405 10.52 -9.57 -5.07
CA ILE A 405 9.22 -9.63 -4.45
C ILE A 405 8.95 -8.31 -3.73
N LEU A 406 7.80 -7.70 -4.01
CA LEU A 406 7.44 -6.43 -3.38
C LEU A 406 6.26 -6.66 -2.47
N LEU A 407 6.28 -6.08 -1.28
CA LEU A 407 5.18 -6.26 -0.35
C LEU A 407 4.76 -4.95 0.29
N HIS A 408 3.53 -4.54 0.03
CA HIS A 408 3.02 -3.25 0.48
C HIS A 408 2.25 -3.38 1.81
N GLY A 409 2.85 -2.91 2.89
CA GLY A 409 2.26 -3.03 4.23
C GLY A 409 0.89 -2.43 4.51
N PRO A 410 0.63 -1.18 4.10
CA PRO A 410 -0.63 -0.55 4.53
C PRO A 410 -1.91 -1.17 3.95
N SER A 411 -1.83 -1.75 2.76
CA SER A 411 -3.06 -2.25 2.12
C SER A 411 -3.44 -3.65 2.63
N LYS A 412 -4.64 -4.09 2.25
CA LYS A 412 -5.18 -5.39 2.65
C LYS A 412 -5.43 -6.28 1.43
N GLY A 413 -4.81 -7.46 1.45
CA GLY A 413 -4.93 -8.40 0.34
C GLY A 413 -6.30 -9.05 0.21
N VAL A 414 -6.74 -9.19 -1.03
CA VAL A 414 -7.95 -9.93 -1.38
C VAL A 414 -7.91 -11.34 -0.75
N GLU A 415 -8.86 -11.62 0.16
CA GLU A 415 -8.99 -12.94 0.77
C GLU A 415 -7.67 -13.48 1.36
N LEU A 416 -6.91 -12.58 1.97
CA LEU A 416 -5.68 -12.95 2.69
C LEU A 416 -5.81 -12.53 4.15
N ARG A 417 -5.58 -13.47 5.06
CA ARG A 417 -5.66 -13.20 6.51
C ARG A 417 -4.59 -12.21 6.99
N ASN A 418 -3.39 -12.29 6.41
CA ASN A 418 -2.29 -11.44 6.87
C ASN A 418 -1.20 -11.24 5.81
N ASP A 419 -0.16 -10.49 6.17
CA ASP A 419 0.91 -10.19 5.22
C ASP A 419 1.73 -11.43 4.86
N SER A 420 1.87 -12.37 5.81
CA SER A 420 2.63 -13.61 5.55
C SER A 420 2.06 -14.41 4.37
N GLU A 421 0.75 -14.55 4.33
CA GLU A 421 0.12 -15.23 3.20
C GLU A 421 0.39 -14.50 1.88
N GLY A 422 0.40 -13.16 1.92
CA GLY A 422 0.68 -12.38 0.72
C GLY A 422 2.10 -12.57 0.21
N PHE A 423 3.06 -12.68 1.12
CA PHE A 423 4.44 -12.94 0.73
C PHE A 423 4.58 -14.32 0.07
N ILE A 424 3.95 -15.32 0.68
CA ILE A 424 4.01 -16.68 0.21
C ILE A 424 3.38 -16.81 -1.17
N HIS A 425 2.30 -16.07 -1.41
CA HIS A 425 1.71 -16.02 -2.74
C HIS A 425 2.74 -15.53 -3.76
N GLU A 426 3.41 -14.42 -3.43
CA GLU A 426 4.38 -13.83 -4.35
C GLU A 426 5.57 -14.77 -4.56
N PHE A 427 5.94 -15.50 -3.50
CA PHE A 427 6.99 -16.49 -3.60
C PHE A 427 6.56 -17.60 -4.57
N GLY A 428 5.26 -17.91 -4.59
CA GLY A 428 4.73 -18.82 -5.60
C GLY A 428 5.11 -18.40 -7.01
N HIS A 429 5.01 -17.11 -7.31
CA HIS A 429 5.40 -16.60 -8.63
C HIS A 429 6.90 -16.82 -8.92
N ALA A 430 7.73 -16.66 -7.89
CA ALA A 430 9.17 -16.88 -8.02
C ALA A 430 9.48 -18.36 -8.29
N VAL A 431 8.76 -19.26 -7.61
CA VAL A 431 8.87 -20.69 -7.88
C VAL A 431 8.48 -20.97 -9.34
N ASP A 432 7.39 -20.37 -9.78
CA ASP A 432 6.92 -20.51 -11.17
C ASP A 432 8.03 -20.11 -12.14
N ASP A 433 8.66 -18.97 -11.86
CA ASP A 433 9.78 -18.45 -12.63
C ASP A 433 11.00 -19.40 -12.65
N TYR A 434 11.44 -19.86 -11.48
CA TYR A 434 12.64 -20.69 -11.42
C TYR A 434 12.40 -22.06 -12.07
N ALA A 435 11.24 -22.63 -11.82
CA ALA A 435 10.85 -23.91 -12.41
C ALA A 435 10.93 -23.86 -13.94
N GLY A 436 10.39 -22.79 -14.52
CA GLY A 436 10.41 -22.59 -15.96
C GLY A 436 11.82 -22.37 -16.48
N TYR A 437 12.59 -21.59 -15.74
CA TYR A 437 13.98 -21.35 -16.08
C TYR A 437 14.81 -22.65 -16.14
N LEU A 438 14.56 -23.59 -15.23
CA LEU A 438 15.30 -24.86 -15.21
C LEU A 438 14.96 -25.75 -16.40
N LEU A 439 13.82 -25.47 -17.05
CA LEU A 439 13.43 -26.18 -18.26
C LEU A 439 14.26 -25.73 -19.45
N ASP A 440 14.51 -24.42 -19.53
CA ASP A 440 15.32 -23.85 -20.60
C ASP A 440 15.90 -22.51 -20.17
N LYS A 441 17.18 -22.52 -19.81
CA LYS A 441 17.83 -21.33 -19.27
C LYS A 441 17.96 -20.21 -20.30
N ASN A 442 18.06 -20.60 -21.56
CA ASN A 442 18.19 -19.64 -22.66
C ASN A 442 16.93 -18.78 -22.82
N GLN A 443 15.93 -19.36 -23.47
CA GLN A 443 14.62 -18.73 -23.60
C GLN A 443 13.81 -19.03 -22.34
N SER A 444 14.09 -18.25 -21.29
CA SER A 444 13.54 -18.48 -19.96
C SER A 444 12.06 -18.07 -19.85
N ASP A 445 11.17 -19.05 -19.79
CA ASP A 445 9.73 -18.81 -19.63
C ASP A 445 9.22 -19.29 -18.28
N LEU A 446 7.94 -19.04 -18.01
CA LEU A 446 7.30 -19.47 -16.78
C LEU A 446 6.74 -20.89 -16.93
N VAL A 447 6.83 -21.69 -15.87
CA VAL A 447 6.33 -23.05 -15.95
C VAL A 447 4.81 -23.06 -16.11
N THR A 448 4.13 -22.02 -15.67
CA THR A 448 2.68 -21.93 -15.88
C THR A 448 2.31 -21.56 -17.31
N ASN A 449 3.30 -21.31 -18.18
CA ASN A 449 3.04 -21.15 -19.61
C ASN A 449 3.27 -22.45 -20.38
N SER A 450 3.67 -23.52 -19.70
CA SER A 450 3.77 -24.83 -20.35
C SER A 450 2.37 -25.34 -20.70
N LYS A 451 2.24 -26.07 -21.81
CA LYS A 451 0.91 -26.50 -22.20
C LYS A 451 0.27 -27.42 -21.15
N LYS A 452 1.09 -28.22 -20.48
CA LYS A 452 0.58 -29.09 -19.43
C LYS A 452 -0.14 -28.31 -18.34
N PHE A 453 0.46 -27.23 -17.85
CA PHE A 453 -0.21 -26.53 -16.79
C PHE A 453 -1.43 -25.80 -17.33
N ILE A 454 -1.32 -25.29 -18.55
CA ILE A 454 -2.45 -24.66 -19.19
C ILE A 454 -3.64 -25.63 -19.26
N ASP A 455 -3.34 -26.89 -19.58
CA ASP A 455 -4.40 -27.90 -19.57
C ASP A 455 -4.96 -28.10 -18.17
N ILE A 456 -4.09 -28.09 -17.17
CA ILE A 456 -4.54 -28.26 -15.79
C ILE A 456 -5.38 -27.06 -15.34
N PHE A 457 -4.95 -25.86 -15.71
CA PHE A 457 -5.72 -24.65 -15.40
C PHE A 457 -7.12 -24.70 -16.01
N LYS A 458 -7.22 -25.19 -17.24
CA LYS A 458 -8.52 -25.23 -17.90
C LYS A 458 -9.49 -26.17 -17.20
N GLU A 459 -8.95 -27.16 -16.50
CA GLU A 459 -9.80 -28.10 -15.78
C GLU A 459 -10.10 -27.64 -14.35
N GLU A 460 -9.05 -27.32 -13.59
CA GLU A 460 -9.21 -27.05 -12.15
C GLU A 460 -9.17 -25.58 -11.75
N GLY A 461 -8.95 -24.69 -12.72
CA GLY A 461 -8.77 -23.28 -12.46
C GLY A 461 -9.83 -22.59 -11.64
N SER A 462 -11.06 -23.10 -11.67
CA SER A 462 -12.12 -22.50 -10.87
C SER A 462 -12.36 -23.20 -9.53
N ASN A 463 -11.53 -24.19 -9.20
CA ASN A 463 -11.76 -25.02 -8.00
C ASN A 463 -11.17 -24.53 -6.68
N LEU A 464 -10.38 -23.44 -6.69
CA LEU A 464 -9.80 -22.92 -5.46
C LEU A 464 -10.41 -21.57 -5.13
N THR A 465 -9.58 -20.53 -5.03
CA THR A 465 -10.08 -19.18 -4.71
C THR A 465 -10.59 -18.42 -5.93
N SER A 466 -11.46 -17.46 -5.68
CA SER A 466 -11.99 -16.65 -6.75
C SER A 466 -10.85 -15.93 -7.50
N TYR A 467 -9.84 -15.47 -6.78
CA TYR A 467 -8.73 -14.77 -7.41
C TYR A 467 -7.88 -15.73 -8.26
N GLY A 468 -7.86 -17.01 -7.87
CA GLY A 468 -7.12 -18.00 -8.61
C GLY A 468 -7.62 -18.22 -10.04
N ARG A 469 -8.85 -17.80 -10.30
CA ARG A 469 -9.44 -17.95 -11.63
C ARG A 469 -8.85 -16.97 -12.66
N THR A 470 -8.16 -15.94 -12.18
CA THR A 470 -7.71 -14.83 -13.02
C THR A 470 -6.89 -15.31 -14.23
N ASN A 471 -5.95 -16.23 -14.00
CA ASN A 471 -5.14 -16.82 -15.06
C ASN A 471 -4.22 -17.88 -14.49
N GLU A 472 -3.48 -18.55 -15.36
CA GLU A 472 -2.58 -19.62 -14.95
C GLU A 472 -1.62 -19.21 -13.83
N ALA A 473 -0.98 -18.05 -13.99
CA ALA A 473 0.07 -17.67 -13.06
C ALA A 473 -0.54 -17.46 -11.67
N GLU A 474 -1.67 -16.77 -11.61
CA GLU A 474 -2.30 -16.48 -10.33
C GLU A 474 -2.84 -17.76 -9.69
N PHE A 475 -3.34 -18.67 -10.52
CA PHE A 475 -3.87 -19.95 -10.04
C PHE A 475 -2.79 -20.77 -9.37
N PHE A 476 -1.65 -20.89 -10.05
CA PHE A 476 -0.46 -21.56 -9.51
C PHE A 476 -0.05 -20.92 -8.18
N ALA A 477 -0.06 -19.59 -8.14
CA ALA A 477 0.43 -18.88 -6.97
C ALA A 477 -0.50 -19.07 -5.79
N GLU A 478 -1.80 -19.02 -6.06
CA GLU A 478 -2.83 -19.26 -5.04
C GLU A 478 -2.77 -20.72 -4.54
N ALA A 479 -2.69 -21.66 -5.47
CA ALA A 479 -2.53 -23.07 -5.13
C ALA A 479 -1.30 -23.24 -4.26
N PHE A 480 -0.21 -22.59 -4.67
CA PHE A 480 1.02 -22.69 -3.91
C PHE A 480 0.86 -22.10 -2.52
N ARG A 481 0.16 -20.98 -2.42
CA ARG A 481 -0.08 -20.35 -1.13
C ARG A 481 -0.92 -21.23 -0.20
N LEU A 482 -1.98 -21.82 -0.74
CA LEU A 482 -2.86 -22.66 0.07
C LEU A 482 -2.18 -23.96 0.51
N MET A 483 -1.28 -24.47 -0.33
CA MET A 483 -0.53 -25.68 -0.04
C MET A 483 0.47 -25.47 1.07
N HIS A 484 0.78 -24.21 1.38
CA HIS A 484 1.73 -23.92 2.44
C HIS A 484 1.14 -23.04 3.52
N SER A 485 -0.16 -23.18 3.75
CA SER A 485 -0.87 -22.42 4.78
C SER A 485 -0.65 -23.05 6.15
N THR A 486 -0.70 -22.22 7.20
CA THR A 486 -0.63 -22.71 8.57
C THR A 486 -1.83 -23.62 8.88
N ASP A 487 -2.93 -23.40 8.14
CA ASP A 487 -4.20 -24.12 8.31
C ASP A 487 -4.25 -25.43 7.52
N HIS A 488 -4.24 -26.57 8.22
CA HIS A 488 -4.30 -27.86 7.53
C HIS A 488 -5.51 -28.00 6.60
N ALA A 489 -6.62 -27.36 6.96
CA ALA A 489 -7.83 -27.46 6.15
C ALA A 489 -7.58 -26.90 4.75
N GLU A 490 -6.79 -25.84 4.68
CA GLU A 490 -6.51 -25.22 3.39
C GLU A 490 -5.57 -26.07 2.53
N ARG A 491 -4.57 -26.70 3.13
CA ARG A 491 -3.68 -27.61 2.40
C ARG A 491 -4.50 -28.75 1.77
N LEU A 492 -5.47 -29.22 2.54
CA LEU A 492 -6.27 -30.38 2.15
C LEU A 492 -7.23 -30.09 0.99
N LYS A 493 -7.83 -28.89 0.99
CA LYS A 493 -8.71 -28.48 -0.11
C LYS A 493 -7.99 -28.51 -1.46
N VAL A 494 -6.74 -28.08 -1.50
CA VAL A 494 -5.98 -28.14 -2.73
C VAL A 494 -5.82 -29.59 -3.19
N GLN A 495 -5.38 -30.44 -2.27
CA GLN A 495 -5.19 -31.85 -2.57
C GLN A 495 -6.47 -32.51 -3.04
N LYS A 496 -7.59 -32.08 -2.45
CA LYS A 496 -8.89 -32.66 -2.76
C LYS A 496 -9.62 -31.99 -3.94
N ASN A 497 -9.56 -30.67 -4.05
CA ASN A 497 -10.29 -29.97 -5.11
C ASN A 497 -9.48 -29.69 -6.36
N ALA A 498 -8.15 -29.78 -6.26
CA ALA A 498 -7.31 -29.58 -7.43
C ALA A 498 -6.12 -30.53 -7.42
N PRO A 499 -6.41 -31.84 -7.51
CA PRO A 499 -5.38 -32.87 -7.35
C PRO A 499 -4.30 -32.80 -8.43
N LYS A 500 -4.63 -32.43 -9.67
CA LYS A 500 -3.60 -32.35 -10.69
C LYS A 500 -2.68 -31.15 -10.40
N THR A 501 -3.27 -30.05 -9.93
CA THR A 501 -2.47 -28.87 -9.58
C THR A 501 -1.54 -29.26 -8.45
N PHE A 502 -2.12 -29.86 -7.41
CA PHE A 502 -1.37 -30.31 -6.26
C PHE A 502 -0.16 -31.14 -6.67
N GLN A 503 -0.40 -32.12 -7.53
CA GLN A 503 0.69 -32.99 -8.00
C GLN A 503 1.69 -32.22 -8.85
N PHE A 504 1.19 -31.39 -9.76
CA PHE A 504 2.06 -30.58 -10.60
C PHE A 504 3.01 -29.71 -9.76
N ILE A 505 2.47 -29.08 -8.72
CA ILE A 505 3.30 -28.18 -7.93
C ILE A 505 4.34 -28.97 -7.12
N ASN A 506 3.94 -30.11 -6.56
CA ASN A 506 4.91 -30.92 -5.81
C ASN A 506 6.01 -31.44 -6.74
N ASP A 507 5.65 -31.81 -7.96
CA ASP A 507 6.65 -32.21 -8.95
C ASP A 507 7.66 -31.11 -9.27
N GLN A 508 7.17 -29.87 -9.44
CA GLN A 508 8.07 -28.75 -9.71
C GLN A 508 9.00 -28.53 -8.56
N ILE A 509 8.48 -28.64 -7.34
CA ILE A 509 9.26 -28.43 -6.14
C ILE A 509 10.41 -29.46 -6.06
N LYS A 510 10.09 -30.72 -6.37
CA LYS A 510 11.11 -31.76 -6.43
C LYS A 510 12.13 -31.46 -7.51
N PHE A 511 11.64 -31.07 -8.68
CA PHE A 511 12.50 -30.74 -9.81
C PHE A 511 13.48 -29.62 -9.43
N ILE A 512 12.97 -28.62 -8.72
CA ILE A 512 13.81 -27.51 -8.28
C ILE A 512 14.87 -27.95 -7.26
N ILE A 513 14.42 -28.66 -6.24
CA ILE A 513 15.30 -29.10 -5.17
C ILE A 513 16.35 -30.09 -5.70
N ASN A 514 15.99 -30.87 -6.72
CA ASN A 514 16.91 -31.86 -7.27
C ASN A 514 17.84 -31.37 -8.36
N SER A 515 17.72 -30.11 -8.78
CA SER A 515 18.63 -29.55 -9.77
C SER A 515 20.00 -29.31 -9.12
N LEU A 516 21.09 -29.74 -9.77
CA LEU A 516 22.40 -29.81 -9.11
C LEU A 516 23.18 -28.49 -9.12
N VAL A 517 24.05 -28.31 -8.12
CA VAL A 517 24.90 -27.13 -8.01
C VAL A 517 26.38 -27.51 -8.02
#